data_2R6U
#
_entry.id   2R6U
#
_cell.length_a   51.411
_cell.length_b   89.048
_cell.length_c   58.913
_cell.angle_alpha   90.00
_cell.angle_beta   94.09
_cell.angle_gamma   90.00
#
_symmetry.space_group_name_H-M   'P 1 21 1'
#
loop_
_entity.id
_entity.type
_entity.pdbx_description
1 polymer 'Uncharacterized protein'
2 water water
#
_entity_poly.entity_id   1
_entity_poly.type   'polypeptide(L)'
_entity_poly.pdbx_seq_one_letter_code
;MGSSHHHHHHSSGRENLYFQGMTGRIVHFEIPFDDGDRARAFYRDAFGWAIAEIPDMDYSMVTTGPVGESGMPDEPGYIN
GGMMQRGEVTTPVVTVDVESIESALERIESLGGKTVTGRTPVGNMGFAAYFTDSEGNVVGLWETARGS
;
_entity_poly.pdbx_strand_id   A,B,C,D
#
# COMPACT_ATOMS: atom_id res chain seq x y z
N LEU A 17 -3.65 35.40 3.67
CA LEU A 17 -3.03 34.09 4.10
C LEU A 17 -1.53 34.10 3.81
N TYR A 18 -0.71 33.97 4.86
CA TYR A 18 0.75 33.88 4.73
C TYR A 18 1.34 33.10 5.90
N PHE A 19 2.61 32.73 5.72
CA PHE A 19 3.27 31.78 6.61
C PHE A 19 4.63 32.33 7.07
N GLN A 20 5.29 31.63 8.00
CA GLN A 20 6.65 31.97 8.36
C GLN A 20 7.58 31.41 7.30
N GLY A 21 7.83 32.19 6.24
CA GLY A 21 8.62 31.69 5.11
C GLY A 21 7.93 30.50 4.48
N MET A 22 8.72 29.53 4.05
CA MET A 22 8.20 28.30 3.48
C MET A 22 8.15 27.22 4.55
N THR A 23 8.32 27.63 5.80
CA THR A 23 8.41 26.69 6.90
C THR A 23 7.03 26.39 7.51
N GLY A 24 7.02 25.43 8.41
CA GLY A 24 5.84 25.20 9.19
C GLY A 24 4.88 24.19 8.58
N ARG A 25 5.19 23.66 7.41
CA ARG A 25 4.29 22.70 6.76
C ARG A 25 4.37 21.37 7.47
N ILE A 26 3.23 20.67 7.56
CA ILE A 26 3.21 19.27 7.98
C ILE A 26 3.56 18.40 6.79
N VAL A 27 4.75 17.78 6.87
CA VAL A 27 5.39 17.16 5.74
C VAL A 27 5.64 15.66 5.85
N HIS A 28 5.37 15.10 7.01
CA HIS A 28 5.74 13.72 7.27
C HIS A 28 4.96 13.25 8.49
N PHE A 29 4.81 11.94 8.58
CA PHE A 29 4.20 11.33 9.76
C PHE A 29 4.97 10.09 10.13
N GLU A 30 4.80 9.65 11.37
CA GLU A 30 5.36 8.38 11.86
C GLU A 30 4.30 7.61 12.62
N ILE A 31 4.19 6.33 12.32
CA ILE A 31 3.27 5.42 13.02
C ILE A 31 4.11 4.37 13.74
N PRO A 32 4.00 4.28 15.07
CA PRO A 32 4.78 3.29 15.83
C PRO A 32 4.11 1.93 15.77
N PHE A 33 4.91 0.89 15.94
CA PHE A 33 4.38 -0.48 15.96
C PHE A 33 4.98 -1.28 17.10
N ASP A 34 4.27 -2.35 17.43
CA ASP A 34 4.81 -3.33 18.33
C ASP A 34 5.37 -4.56 17.64
N ASP A 35 4.77 -4.95 16.53
CA ASP A 35 5.21 -6.08 15.74
C ASP A 35 5.30 -5.52 14.34
N GLY A 36 6.53 -5.30 13.86
CA GLY A 36 6.76 -4.69 12.57
C GLY A 36 6.17 -5.43 11.38
N ASP A 37 6.35 -6.75 11.39
CA ASP A 37 5.83 -7.54 10.26
C ASP A 37 4.31 -7.47 10.20
N ARG A 38 3.67 -7.52 11.36
CA ARG A 38 2.22 -7.42 11.44
C ARG A 38 1.75 -6.05 10.98
N ALA A 39 2.44 -5.03 11.48
CA ALA A 39 2.02 -3.66 11.17
C ALA A 39 2.18 -3.33 9.70
N ARG A 40 3.31 -3.74 9.12
CA ARG A 40 3.53 -3.48 7.73
C ARG A 40 2.52 -4.23 6.87
N ALA A 41 2.24 -5.48 7.22
CA ALA A 41 1.23 -6.21 6.46
C ALA A 41 -0.15 -5.55 6.57
N PHE A 42 -0.49 -5.05 7.77
CA PHE A 42 -1.78 -4.43 7.95
C PHE A 42 -1.97 -3.27 6.97
N TYR A 43 -0.95 -2.42 6.88
CA TYR A 43 -1.08 -1.25 6.03
C TYR A 43 -0.95 -1.54 4.53
N ARG A 44 -0.03 -2.44 4.17
CA ARG A 44 0.04 -2.89 2.78
C ARG A 44 -1.33 -3.43 2.40
N ASP A 45 -1.91 -4.21 3.28
CA ASP A 45 -3.15 -4.90 2.92
C ASP A 45 -4.34 -3.98 2.94
N ALA A 46 -4.41 -3.12 3.94
CA ALA A 46 -5.59 -2.24 4.08
C ALA A 46 -5.67 -1.23 2.96
N PHE A 47 -4.53 -0.63 2.61
CA PHE A 47 -4.54 0.54 1.75
C PHE A 47 -3.58 0.48 0.58
N GLY A 48 -2.69 -0.52 0.53
CA GLY A 48 -1.72 -0.60 -0.56
C GLY A 48 -0.52 0.30 -0.39
N TRP A 49 -0.22 0.72 0.83
CA TRP A 49 0.99 1.47 1.05
C TRP A 49 2.22 0.69 0.59
N ALA A 50 3.19 1.37 0.00
CA ALA A 50 4.48 0.78 -0.30
C ALA A 50 5.36 1.02 0.91
N ILE A 51 5.89 -0.04 1.47
CA ILE A 51 6.67 0.06 2.69
C ILE A 51 7.99 -0.65 2.46
N ALA A 52 9.09 -0.03 2.87
CA ALA A 52 10.42 -0.62 2.73
C ALA A 52 11.14 -0.46 4.07
N GLU A 53 11.71 -1.55 4.58
CA GLU A 53 12.64 -1.45 5.70
C GLU A 53 13.97 -0.89 5.23
N ILE A 54 14.45 0.17 5.88
CA ILE A 54 15.67 0.85 5.41
C ILE A 54 16.91 0.35 6.16
N PRO A 55 17.94 -0.13 5.43
CA PRO A 55 19.21 -0.44 6.10
C PRO A 55 20.05 0.83 6.15
N ASP A 56 20.58 1.25 7.30
CA ASP A 56 20.57 0.55 8.59
C ASP A 56 20.00 1.57 9.57
N MET A 57 18.70 1.81 9.38
CA MET A 57 18.04 3.03 9.79
C MET A 57 17.03 2.77 10.94
N ASP A 58 16.84 1.50 11.32
CA ASP A 58 15.75 1.08 12.21
C ASP A 58 14.46 1.84 11.92
N TYR A 59 14.03 1.74 10.67
CA TYR A 59 12.96 2.56 10.18
C TYR A 59 12.36 1.90 8.95
N SER A 60 11.04 1.98 8.79
CA SER A 60 10.40 1.55 7.56
C SER A 60 9.81 2.76 6.86
N MET A 61 10.23 2.98 5.63
CA MET A 61 9.75 4.10 4.82
C MET A 61 8.40 3.73 4.27
N VAL A 62 7.46 4.68 4.35
CA VAL A 62 6.09 4.49 3.88
C VAL A 62 5.76 5.49 2.78
N THR A 63 5.34 4.99 1.62
CA THR A 63 4.92 5.82 0.51
C THR A 63 3.38 5.59 0.40
N THR A 64 2.59 6.65 0.64
CA THR A 64 1.11 6.62 0.55
C THR A 64 0.58 7.22 -0.73
N GLY A 65 1.43 7.93 -1.45
CA GLY A 65 1.10 8.51 -2.74
C GLY A 65 2.35 8.70 -3.57
N PRO A 66 2.14 9.00 -4.87
CA PRO A 66 3.21 9.02 -5.88
C PRO A 66 4.35 9.95 -5.58
N VAL A 67 5.55 9.54 -5.99
CA VAL A 67 6.74 10.29 -5.80
C VAL A 67 7.41 10.40 -7.17
N GLY A 68 8.17 11.47 -7.34
CA GLY A 68 8.93 11.66 -8.57
C GLY A 68 10.31 11.08 -8.40
N GLU A 69 11.26 11.56 -9.21
CA GLU A 69 12.63 11.06 -9.20
C GLU A 69 13.37 11.49 -7.94
N SER A 70 12.97 12.63 -7.37
CA SER A 70 13.47 13.07 -6.06
C SER A 70 13.02 12.13 -4.91
N GLY A 71 12.02 11.28 -5.15
CA GLY A 71 11.42 10.47 -4.09
C GLY A 71 10.42 11.23 -3.21
N MET A 72 10.23 12.51 -3.49
CA MET A 72 9.27 13.35 -2.77
C MET A 72 7.93 13.32 -3.51
N PRO A 73 6.83 13.58 -2.79
CA PRO A 73 5.55 13.55 -3.49
C PRO A 73 5.53 14.47 -4.72
N ASP A 74 4.91 14.02 -5.80
CA ASP A 74 4.80 14.83 -7.01
C ASP A 74 3.35 15.06 -7.47
N GLU A 75 2.37 14.61 -6.69
CA GLU A 75 1.01 15.11 -6.79
C GLU A 75 0.65 15.76 -5.44
N PRO A 76 -0.25 16.73 -5.45
CA PRO A 76 -0.58 17.49 -4.25
C PRO A 76 -1.57 16.82 -3.32
N GLY A 77 -1.52 17.20 -2.05
CA GLY A 77 -2.59 16.91 -1.09
C GLY A 77 -2.37 15.73 -0.16
N TYR A 78 -1.16 15.23 -0.12
CA TYR A 78 -0.83 14.08 0.78
C TYR A 78 0.63 14.10 1.17
N ILE A 79 0.91 13.38 2.24
CA ILE A 79 2.26 13.17 2.69
C ILE A 79 2.60 11.69 2.82
N ASN A 80 3.89 11.43 2.73
CA ASN A 80 4.42 10.11 3.01
C ASN A 80 5.01 10.12 4.41
N GLY A 81 5.51 8.97 4.87
CA GLY A 81 5.89 8.88 6.27
C GLY A 81 6.77 7.70 6.55
N GLY A 82 6.70 7.25 7.80
CA GLY A 82 7.53 6.19 8.26
C GLY A 82 6.82 5.38 9.35
N MET A 83 7.32 4.16 9.59
CA MET A 83 6.86 3.33 10.71
C MET A 83 8.08 2.88 11.47
N MET A 84 7.97 2.83 12.79
CA MET A 84 9.08 2.55 13.66
C MET A 84 8.63 1.77 14.88
N GLN A 85 9.54 0.98 15.41
CA GLN A 85 9.28 0.30 16.67
C GLN A 85 8.95 1.32 17.75
N ARG A 86 7.88 1.07 18.48
CA ARG A 86 7.38 1.98 19.51
C ARG A 86 8.45 2.19 20.55
N GLY A 87 8.71 3.44 20.90
CA GLY A 87 9.72 3.75 21.93
C GLY A 87 10.02 5.23 21.89
N GLU A 88 10.79 5.69 20.91
CA GLU A 88 10.99 7.14 20.71
C GLU A 88 9.74 7.81 20.18
N VAL A 89 8.99 7.06 19.36
CA VAL A 89 7.67 7.47 18.95
C VAL A 89 6.73 6.51 19.67
N THR A 90 5.81 7.05 20.48
CA THR A 90 4.92 6.21 21.27
C THR A 90 3.50 6.17 20.77
N THR A 91 3.05 7.22 20.08
CA THR A 91 1.77 7.25 19.40
C THR A 91 2.03 8.01 18.05
N PRO A 92 1.07 7.94 17.11
CA PRO A 92 1.35 8.62 15.85
C PRO A 92 1.81 10.07 15.98
N VAL A 93 2.80 10.45 15.17
CA VAL A 93 3.40 11.78 15.23
C VAL A 93 3.34 12.41 13.86
N VAL A 94 2.97 13.68 13.83
CA VAL A 94 3.10 14.45 12.61
C VAL A 94 4.28 15.39 12.79
N THR A 95 4.93 15.71 11.66
CA THR A 95 6.21 16.39 11.65
C THR A 95 6.11 17.73 10.94
N VAL A 96 6.54 18.78 11.62
CA VAL A 96 6.56 20.13 11.07
C VAL A 96 7.94 20.42 10.52
N ASP A 97 8.01 20.85 9.27
CA ASP A 97 9.27 21.32 8.66
C ASP A 97 9.59 22.71 9.20
N VAL A 98 10.86 22.91 9.63
CA VAL A 98 11.30 24.20 10.17
C VAL A 98 12.67 24.54 9.62
N GLU A 99 12.96 25.83 9.59
CA GLU A 99 14.25 26.28 9.08
C GLU A 99 15.38 25.87 10.05
N SER A 100 15.09 25.95 11.34
CA SER A 100 16.06 25.65 12.38
C SER A 100 15.38 25.01 13.58
N ILE A 101 15.72 23.76 13.87
CA ILE A 101 15.20 23.10 15.04
C ILE A 101 15.62 23.83 16.32
N GLU A 102 16.83 24.37 16.35
CA GLU A 102 17.29 25.10 17.52
C GLU A 102 16.38 26.30 17.83
N SER A 103 16.09 27.06 16.78
CA SER A 103 15.23 28.23 16.86
C SER A 103 13.81 27.85 17.21
N ALA A 104 13.31 26.79 16.56
CA ALA A 104 11.93 26.34 16.82
C ALA A 104 11.72 25.85 18.25
N LEU A 105 12.66 25.07 18.76
CA LEU A 105 12.57 24.57 20.13
C LEU A 105 12.66 25.71 21.14
N GLU A 106 13.50 26.71 20.87
CA GLU A 106 13.54 27.89 21.72
C GLU A 106 12.20 28.61 21.77
N ARG A 107 11.62 28.80 20.60
CA ARG A 107 10.31 29.44 20.47
C ARG A 107 9.22 28.62 21.16
N ILE A 108 9.19 27.33 20.89
CA ILE A 108 8.24 26.43 21.50
C ILE A 108 8.27 26.50 23.03
N GLU A 109 9.46 26.47 23.62
CA GLU A 109 9.56 26.53 25.07
C GLU A 109 9.12 27.87 25.62
N SER A 110 9.38 28.95 24.90
CA SER A 110 8.90 30.26 25.34
C SER A 110 7.37 30.36 25.27
N LEU A 111 6.76 29.50 24.45
CA LEU A 111 5.30 29.51 24.26
C LEU A 111 4.55 28.47 25.07
N GLY A 112 5.24 27.78 25.97
CA GLY A 112 4.62 26.84 26.87
C GLY A 112 4.72 25.39 26.41
N GLY A 113 5.54 25.13 25.40
CA GLY A 113 5.84 23.77 24.97
C GLY A 113 7.13 23.29 25.61
N LYS A 114 7.51 22.04 25.33
CA LYS A 114 8.73 21.48 25.93
C LYS A 114 9.44 20.52 25.00
N THR A 115 10.76 20.55 25.04
CA THR A 115 11.59 19.66 24.25
C THR A 115 11.49 18.26 24.83
N VAL A 116 11.24 17.28 23.97
CA VAL A 116 11.29 15.87 24.34
C VAL A 116 12.65 15.31 23.96
N THR A 117 13.02 15.46 22.68
CA THR A 117 14.40 15.18 22.26
C THR A 117 14.88 16.31 21.39
N GLY A 118 16.17 16.63 21.48
CA GLY A 118 16.74 17.71 20.73
C GLY A 118 17.14 17.32 19.33
N ARG A 119 17.71 18.29 18.65
CA ARG A 119 18.12 18.13 17.27
C ARG A 119 19.06 16.94 17.08
N THR A 120 18.68 16.04 16.19
CA THR A 120 19.35 14.78 15.99
C THR A 120 19.48 14.50 14.51
N PRO A 121 20.68 14.18 14.01
CA PRO A 121 20.78 13.81 12.61
C PRO A 121 20.01 12.54 12.33
N VAL A 122 19.28 12.54 11.23
CA VAL A 122 18.53 11.38 10.78
C VAL A 122 18.85 11.16 9.32
N GLY A 123 19.28 9.95 8.97
CA GLY A 123 19.74 9.68 7.62
C GLY A 123 20.85 10.63 7.26
N ASN A 124 20.89 11.04 5.98
CA ASN A 124 21.93 11.94 5.50
C ASN A 124 21.48 13.35 5.20
N MET A 125 20.18 13.61 5.15
CA MET A 125 19.70 14.87 4.61
C MET A 125 19.26 15.90 5.63
N GLY A 126 19.05 15.51 6.88
CA GLY A 126 18.48 16.46 7.80
C GLY A 126 18.53 16.04 9.25
N PHE A 127 17.75 16.75 10.06
CA PHE A 127 17.72 16.56 11.49
C PHE A 127 16.28 16.47 11.96
N ALA A 128 16.07 15.74 13.05
CA ALA A 128 14.74 15.62 13.64
C ALA A 128 14.79 16.01 15.11
N ALA A 129 13.62 16.34 15.66
CA ALA A 129 13.46 16.53 17.07
C ALA A 129 12.00 16.32 17.41
N TYR A 130 11.72 16.14 18.70
CA TYR A 130 10.34 15.98 19.17
C TYR A 130 10.10 16.93 20.33
N PHE A 131 8.86 17.42 20.43
CA PHE A 131 8.47 18.32 21.53
C PHE A 131 7.06 18.02 21.93
N THR A 132 6.66 18.51 23.10
CA THR A 132 5.25 18.54 23.47
C THR A 132 4.69 19.94 23.25
N ASP A 133 3.48 20.00 22.70
CA ASP A 133 2.83 21.30 22.47
C ASP A 133 2.21 21.77 23.80
N SER A 134 1.45 22.85 23.74
CA SER A 134 0.83 23.44 24.93
C SER A 134 -0.15 22.48 25.57
N GLU A 135 -0.59 21.48 24.80
CA GLU A 135 -1.60 20.53 25.21
C GLU A 135 -1.08 19.13 25.59
N GLY A 136 0.24 18.96 25.67
CA GLY A 136 0.83 17.67 26.02
C GLY A 136 0.97 16.66 24.90
N ASN A 137 0.72 17.09 23.68
CA ASN A 137 0.83 16.18 22.53
C ASN A 137 2.27 16.17 22.05
N VAL A 138 2.78 14.98 21.75
CA VAL A 138 4.11 14.86 21.14
C VAL A 138 4.00 15.08 19.63
N VAL A 139 4.82 16.02 19.15
CA VAL A 139 4.85 16.46 17.74
C VAL A 139 6.31 16.47 17.29
N GLY A 140 6.53 16.22 16.01
CA GLY A 140 7.86 16.18 15.47
C GLY A 140 8.26 17.45 14.75
N LEU A 141 9.58 17.65 14.65
CA LEU A 141 10.19 18.69 13.84
C LEU A 141 11.17 18.05 12.86
N TRP A 142 11.30 18.65 11.68
CA TRP A 142 12.27 18.22 10.67
C TRP A 142 12.97 19.46 10.17
N GLU A 143 14.30 19.39 10.10
CA GLU A 143 15.10 20.47 9.53
C GLU A 143 15.94 19.88 8.42
N THR A 144 15.75 20.36 7.20
CA THR A 144 16.62 19.98 6.11
C THR A 144 17.94 20.68 6.26
N ALA A 145 19.02 19.92 6.11
CA ALA A 145 20.35 20.49 6.24
C ALA A 145 20.62 21.45 5.08
N ARG A 146 20.99 22.68 5.44
CA ARG A 146 21.31 23.78 4.51
C ARG A 146 22.58 24.48 4.95
N MET B 22 7.01 -16.55 -25.76
CA MET B 22 6.04 -16.11 -24.71
C MET B 22 6.18 -14.63 -24.31
N THR B 23 6.75 -13.84 -25.21
CA THR B 23 6.99 -12.42 -25.02
C THR B 23 5.69 -11.73 -24.66
N GLY B 24 5.75 -10.90 -23.61
CA GLY B 24 4.62 -10.10 -23.13
C GLY B 24 3.68 -10.85 -22.19
N ARG B 25 3.85 -12.16 -22.07
CA ARG B 25 2.90 -12.98 -21.30
C ARG B 25 3.31 -12.93 -19.83
N ILE B 26 2.33 -13.03 -18.93
CA ILE B 26 2.60 -13.23 -17.49
C ILE B 26 2.88 -14.72 -17.30
N VAL B 27 4.13 -15.03 -16.97
CA VAL B 27 4.65 -16.39 -16.99
C VAL B 27 5.10 -16.90 -15.63
N HIS B 28 5.05 -16.07 -14.59
CA HIS B 28 5.65 -16.44 -13.31
C HIS B 28 5.09 -15.50 -12.26
N PHE B 29 5.12 -15.92 -11.02
CA PHE B 29 4.75 -15.09 -9.88
C PHE B 29 5.72 -15.34 -8.74
N GLU B 30 5.79 -14.37 -7.83
CA GLU B 30 6.56 -14.52 -6.60
C GLU B 30 5.75 -14.05 -5.41
N ILE B 31 5.81 -14.83 -4.34
CA ILE B 31 5.18 -14.50 -3.08
C ILE B 31 6.26 -14.33 -2.03
N PRO B 32 6.34 -13.13 -1.45
CA PRO B 32 7.36 -12.89 -0.41
C PRO B 32 6.92 -13.41 0.93
N PHE B 33 7.90 -13.75 1.76
CA PHE B 33 7.62 -14.19 3.11
C PHE B 33 8.49 -13.52 4.15
N ASP B 34 7.99 -13.54 5.38
CA ASP B 34 8.77 -13.16 6.55
C ASP B 34 9.44 -14.37 7.19
N ASP B 35 8.72 -15.49 7.25
CA ASP B 35 9.23 -16.74 7.83
C ASP B 35 9.06 -17.80 6.75
N GLY B 36 10.16 -18.18 6.10
CA GLY B 36 10.13 -19.16 5.01
C GLY B 36 9.48 -20.49 5.34
N ASP B 37 9.86 -21.09 6.46
CA ASP B 37 9.28 -22.35 6.88
C ASP B 37 7.77 -22.23 7.07
N ARG B 38 7.35 -21.15 7.70
CA ARG B 38 5.93 -20.91 7.93
C ARG B 38 5.16 -20.78 6.62
N ALA B 39 5.73 -19.95 5.71
CA ALA B 39 5.08 -19.66 4.42
C ALA B 39 5.01 -20.93 3.58
N ARG B 40 6.10 -21.68 3.49
CA ARG B 40 6.10 -22.87 2.68
C ARG B 40 5.08 -23.86 3.25
N ALA B 41 5.02 -23.99 4.58
CA ALA B 41 4.03 -24.88 5.19
C ALA B 41 2.60 -24.44 4.87
N PHE B 42 2.39 -23.13 4.92
CA PHE B 42 1.07 -22.56 4.61
C PHE B 42 0.60 -23.00 3.23
N TYR B 43 1.43 -22.78 2.21
CA TYR B 43 1.02 -23.08 0.84
C TYR B 43 0.97 -24.58 0.51
N ARG B 44 1.89 -25.38 1.07
CA ARG B 44 1.80 -26.82 0.92
C ARG B 44 0.50 -27.31 1.53
N ASP B 45 0.19 -26.84 2.73
CA ASP B 45 -0.92 -27.38 3.50
C ASP B 45 -2.28 -26.89 2.99
N ALA B 46 -2.33 -25.63 2.55
CA ALA B 46 -3.61 -25.05 2.12
C ALA B 46 -3.96 -25.44 0.69
N PHE B 47 -2.95 -25.57 -0.17
CA PHE B 47 -3.20 -25.76 -1.59
C PHE B 47 -2.51 -26.94 -2.26
N GLY B 48 -1.66 -27.66 -1.53
CA GLY B 48 -0.89 -28.75 -2.10
C GLY B 48 0.21 -28.35 -3.06
N TRP B 49 0.72 -27.12 -2.96
CA TRP B 49 1.84 -26.71 -3.81
C TRP B 49 3.07 -27.58 -3.56
N ALA B 50 3.79 -27.87 -4.63
CA ALA B 50 5.10 -28.51 -4.51
C ALA B 50 6.12 -27.40 -4.44
N ILE B 51 6.83 -27.30 -3.33
CA ILE B 51 7.78 -26.22 -3.13
C ILE B 51 9.16 -26.82 -2.86
N ALA B 52 10.13 -26.43 -3.67
CA ALA B 52 11.50 -26.93 -3.54
C ALA B 52 12.37 -25.75 -3.21
N GLU B 53 12.99 -25.77 -2.04
CA GLU B 53 14.05 -24.82 -1.74
C GLU B 53 15.27 -25.22 -2.57
N ILE B 54 15.95 -24.26 -3.18
CA ILE B 54 17.19 -24.57 -3.93
C ILE B 54 18.25 -25.03 -2.86
N MET B 57 20.29 -20.30 -4.51
CA MET B 57 19.43 -19.35 -5.23
C MET B 57 18.60 -18.46 -4.28
N ASP B 58 18.68 -18.70 -2.95
CA ASP B 58 17.90 -17.97 -1.94
C ASP B 58 16.43 -17.87 -2.34
N TYR B 59 15.88 -19.00 -2.73
CA TYR B 59 14.68 -19.03 -3.53
C TYR B 59 13.99 -20.36 -3.29
N SER B 60 12.66 -20.34 -3.22
CA SER B 60 11.91 -21.58 -3.22
C SER B 60 11.04 -21.66 -4.47
N MET B 61 11.30 -22.66 -5.30
CA MET B 61 10.55 -22.92 -6.50
C MET B 61 9.19 -23.49 -6.13
N VAL B 62 8.14 -22.96 -6.76
CA VAL B 62 6.78 -23.40 -6.53
C VAL B 62 6.15 -23.92 -7.81
N THR B 63 5.59 -25.14 -7.75
CA THR B 63 4.84 -25.78 -8.83
C THR B 63 3.39 -25.87 -8.37
N THR B 64 2.47 -25.26 -9.13
CA THR B 64 1.05 -25.18 -8.75
C THR B 64 0.17 -26.09 -9.60
N GLY B 65 0.74 -26.65 -10.67
CA GLY B 65 0.00 -27.52 -11.58
C GLY B 65 0.97 -28.44 -12.31
N PRO B 66 0.43 -29.31 -13.20
CA PRO B 66 1.26 -30.32 -13.86
C PRO B 66 2.38 -29.74 -14.74
N VAL B 67 3.55 -30.38 -14.71
CA VAL B 67 4.72 -29.91 -15.47
C VAL B 67 5.27 -31.05 -16.33
N GLY B 68 5.93 -30.70 -17.42
CA GLY B 68 6.53 -31.69 -18.32
C GLY B 68 7.92 -32.07 -17.85
N GLU B 69 8.66 -32.80 -18.69
CA GLU B 69 10.02 -33.19 -18.35
C GLU B 69 10.98 -32.00 -18.36
N SER B 70 10.65 -30.97 -19.16
CA SER B 70 11.31 -29.66 -19.06
C SER B 70 11.02 -28.97 -17.73
N GLY B 71 9.95 -29.40 -17.06
CA GLY B 71 9.58 -28.84 -15.76
C GLY B 71 8.69 -27.61 -15.87
N MET B 72 8.24 -27.30 -17.08
CA MET B 72 7.35 -26.16 -17.32
C MET B 72 5.92 -26.68 -17.47
N PRO B 73 4.92 -25.80 -17.26
CA PRO B 73 3.55 -26.26 -17.36
C PRO B 73 3.26 -27.01 -18.67
N ASP B 74 2.66 -28.18 -18.56
CA ASP B 74 2.31 -28.96 -19.76
C ASP B 74 0.82 -29.00 -20.05
N GLU B 75 0.04 -28.29 -19.23
CA GLU B 75 -1.36 -28.00 -19.53
C GLU B 75 -1.58 -26.49 -19.44
N PRO B 76 -2.54 -25.95 -20.23
CA PRO B 76 -2.83 -24.53 -20.26
C PRO B 76 -3.54 -23.97 -19.03
N GLY B 77 -3.33 -22.68 -18.79
CA GLY B 77 -4.20 -21.90 -17.91
C GLY B 77 -3.65 -21.61 -16.54
N TYR B 78 -2.40 -21.97 -16.28
CA TYR B 78 -1.78 -21.72 -14.98
C TYR B 78 -0.28 -21.48 -15.10
N ILE B 79 0.26 -20.86 -14.06
CA ILE B 79 1.70 -20.61 -13.99
C ILE B 79 2.26 -21.15 -12.70
N ASN B 80 3.56 -21.40 -12.75
CA ASN B 80 4.29 -21.69 -11.54
C ASN B 80 5.03 -20.45 -11.06
N GLY B 81 5.72 -20.56 -9.95
CA GLY B 81 6.25 -19.36 -9.34
C GLY B 81 7.39 -19.61 -8.37
N GLY B 82 7.59 -18.65 -7.48
CA GLY B 82 8.59 -18.74 -6.46
C GLY B 82 8.18 -18.07 -5.16
N MET B 83 8.84 -18.45 -4.08
CA MET B 83 8.70 -17.74 -2.82
C MET B 83 10.07 -17.22 -2.41
N MET B 84 10.14 -15.98 -1.95
CA MET B 84 11.41 -15.42 -1.52
C MET B 84 11.27 -14.62 -0.24
N GLN B 85 12.39 -14.45 0.45
CA GLN B 85 12.40 -13.62 1.64
C GLN B 85 12.06 -12.20 1.28
N ARG B 86 11.15 -11.58 2.04
CA ARG B 86 10.68 -10.27 1.73
C ARG B 86 11.88 -9.29 1.76
N GLY B 87 11.93 -8.37 0.82
CA GLY B 87 13.05 -7.44 0.75
C GLY B 87 12.94 -6.68 -0.53
N GLU B 88 13.69 -7.10 -1.54
CA GLU B 88 13.51 -6.61 -2.87
C GLU B 88 12.02 -6.64 -3.30
N VAL B 89 11.36 -7.76 -3.03
CA VAL B 89 9.94 -7.96 -3.28
C VAL B 89 9.28 -7.84 -1.91
N THR B 90 8.30 -6.94 -1.77
CA THR B 90 7.62 -6.76 -0.48
C THR B 90 6.18 -7.22 -0.47
N THR B 91 5.56 -7.37 -1.65
CA THR B 91 4.20 -7.89 -1.79
C THR B 91 4.22 -8.76 -3.07
N PRO B 92 3.21 -9.61 -3.26
CA PRO B 92 3.22 -10.49 -4.44
C PRO B 92 3.42 -9.77 -5.75
N VAL B 93 4.15 -10.43 -6.64
CA VAL B 93 4.50 -9.87 -7.92
C VAL B 93 4.20 -10.88 -9.01
N VAL B 94 3.75 -10.37 -10.14
CA VAL B 94 3.68 -11.17 -11.38
C VAL B 94 4.78 -10.69 -12.30
N THR B 95 5.22 -11.60 -13.17
CA THR B 95 6.40 -11.40 -14.00
C THR B 95 6.06 -11.56 -15.47
N VAL B 96 6.46 -10.55 -16.24
CA VAL B 96 6.27 -10.49 -17.70
C VAL B 96 7.53 -11.00 -18.41
N ASP B 97 7.37 -11.95 -19.31
CA ASP B 97 8.46 -12.40 -20.16
C ASP B 97 8.74 -11.31 -21.20
N VAL B 98 10.00 -10.92 -21.37
CA VAL B 98 10.39 -9.97 -22.42
C VAL B 98 11.64 -10.47 -23.14
N GLU B 99 11.80 -9.98 -24.36
CA GLU B 99 12.99 -10.32 -25.12
C GLU B 99 14.25 -9.70 -24.56
N SER B 100 14.13 -8.45 -24.11
CA SER B 100 15.25 -7.72 -23.56
C SER B 100 14.83 -6.88 -22.38
N ILE B 101 15.32 -7.24 -21.20
CA ILE B 101 15.09 -6.42 -20.03
C ILE B 101 15.60 -4.98 -20.20
N GLU B 102 16.77 -4.80 -20.80
CA GLU B 102 17.28 -3.45 -20.98
C GLU B 102 16.34 -2.60 -21.84
N SER B 103 15.83 -3.17 -22.91
CA SER B 103 14.91 -2.46 -23.80
C SER B 103 13.60 -2.21 -23.07
N ALA B 104 13.11 -3.23 -22.37
CA ALA B 104 11.83 -3.10 -21.66
C ALA B 104 11.88 -2.03 -20.59
N LEU B 105 12.96 -1.99 -19.85
CA LEU B 105 13.06 -1.01 -18.76
C LEU B 105 13.15 0.41 -19.33
N GLU B 106 13.90 0.60 -20.41
CA GLU B 106 13.95 1.91 -21.07
C GLU B 106 12.54 2.31 -21.50
N ARG B 107 11.80 1.38 -22.09
CA ARG B 107 10.46 1.69 -22.57
C ARG B 107 9.54 2.04 -21.41
N ILE B 108 9.57 1.20 -20.39
CA ILE B 108 8.80 1.44 -19.17
C ILE B 108 9.04 2.82 -18.55
N GLU B 109 10.30 3.20 -18.47
CA GLU B 109 10.65 4.51 -17.93
C GLU B 109 10.08 5.62 -18.79
N SER B 110 10.13 5.44 -20.11
CA SER B 110 9.60 6.43 -21.03
C SER B 110 8.10 6.59 -20.89
N LEU B 111 7.43 5.52 -20.47
CA LEU B 111 5.98 5.52 -20.28
C LEU B 111 5.51 5.88 -18.88
N GLY B 112 6.42 6.30 -18.01
CA GLY B 112 6.05 6.77 -16.69
C GLY B 112 6.22 5.77 -15.56
N GLY B 113 6.84 4.62 -15.83
CA GLY B 113 7.18 3.66 -14.80
C GLY B 113 8.59 3.95 -14.33
N LYS B 114 9.11 3.10 -13.44
CA LYS B 114 10.43 3.29 -12.85
C LYS B 114 11.11 1.95 -12.64
N THR B 115 12.42 1.90 -12.85
CA THR B 115 13.18 0.70 -12.53
C THR B 115 13.32 0.57 -11.02
N VAL B 116 13.05 -0.63 -10.51
CA VAL B 116 13.29 -0.96 -9.11
C VAL B 116 14.63 -1.69 -8.99
N THR B 117 14.82 -2.75 -9.79
CA THR B 117 16.10 -3.44 -9.88
C THR B 117 16.37 -3.70 -11.37
N GLY B 118 17.58 -3.43 -11.82
CA GLY B 118 17.96 -3.71 -13.21
C GLY B 118 18.23 -5.18 -13.50
N ARG B 119 18.57 -5.48 -14.74
CA ARG B 119 18.79 -6.83 -15.21
C ARG B 119 19.80 -7.58 -14.34
N THR B 120 19.40 -8.74 -13.84
CA THR B 120 20.20 -9.48 -12.85
C THR B 120 20.15 -10.95 -13.22
N PRO B 121 21.31 -11.61 -13.37
CA PRO B 121 21.20 -13.07 -13.56
C PRO B 121 20.53 -13.79 -12.39
N VAL B 122 19.64 -14.70 -12.71
CA VAL B 122 18.97 -15.55 -11.74
C VAL B 122 19.08 -16.99 -12.19
N GLY B 123 19.50 -17.87 -11.29
CA GLY B 123 19.69 -19.26 -11.66
C GLY B 123 20.65 -19.40 -12.82
N ASN B 124 20.46 -20.42 -13.64
CA ASN B 124 21.30 -20.73 -14.79
C ASN B 124 20.75 -20.30 -16.14
N MET B 125 19.46 -19.99 -16.21
CA MET B 125 18.79 -19.91 -17.49
C MET B 125 18.39 -18.52 -17.96
N GLY B 126 18.47 -17.51 -17.11
CA GLY B 126 17.99 -16.20 -17.52
C GLY B 126 18.27 -15.05 -16.57
N PHE B 127 17.52 -13.96 -16.76
CA PHE B 127 17.72 -12.73 -16.02
C PHE B 127 16.39 -12.19 -15.56
N ALA B 128 16.42 -11.51 -14.42
CA ALA B 128 15.22 -10.87 -13.85
C ALA B 128 15.45 -9.40 -13.62
N ALA B 129 14.34 -8.68 -13.51
CA ALA B 129 14.33 -7.28 -13.09
C ALA B 129 12.96 -6.97 -12.53
N TYR B 130 12.87 -5.80 -11.90
CA TYR B 130 11.61 -5.34 -11.32
C TYR B 130 11.44 -3.87 -11.63
N PHE B 131 10.19 -3.47 -11.86
CA PHE B 131 9.87 -2.08 -12.14
C PHE B 131 8.56 -1.74 -11.43
N THR B 132 8.26 -0.46 -11.30
CA THR B 132 6.93 -0.06 -10.89
C THR B 132 6.23 0.50 -12.12
N ASP B 133 4.96 0.14 -12.24
CA ASP B 133 4.10 0.66 -13.29
C ASP B 133 3.65 2.09 -13.03
N SER B 134 2.77 2.60 -13.88
CA SER B 134 2.30 4.00 -13.76
C SER B 134 1.56 4.28 -12.46
N GLU B 135 1.14 3.21 -11.82
CA GLU B 135 0.33 3.26 -10.59
C GLU B 135 1.13 2.94 -9.34
N GLY B 136 2.44 2.74 -9.51
CA GLY B 136 3.34 2.43 -8.41
C GLY B 136 3.38 0.99 -8.01
N ASN B 137 2.74 0.11 -8.77
CA ASN B 137 2.78 -1.33 -8.43
C ASN B 137 4.09 -1.93 -8.91
N VAL B 138 4.68 -2.81 -8.11
CA VAL B 138 5.88 -3.54 -8.50
C VAL B 138 5.49 -4.73 -9.35
N VAL B 139 6.18 -4.86 -10.49
CA VAL B 139 5.95 -5.92 -11.48
C VAL B 139 7.34 -6.46 -11.86
N GLY B 140 7.41 -7.76 -12.15
CA GLY B 140 8.64 -8.36 -12.58
C GLY B 140 8.81 -8.48 -14.07
N LEU B 141 10.06 -8.67 -14.47
CA LEU B 141 10.44 -9.02 -15.82
C LEU B 141 11.31 -10.24 -15.79
N TRP B 142 11.21 -11.05 -16.84
CA TRP B 142 12.07 -12.22 -17.04
C TRP B 142 12.55 -12.20 -18.48
N GLU B 143 13.87 -12.42 -18.67
CA GLU B 143 14.47 -12.56 -19.98
C GLU B 143 15.21 -13.89 -20.01
N THR B 144 14.78 -14.78 -20.90
CA THR B 144 15.48 -16.04 -21.09
C THR B 144 16.78 -15.72 -21.80
N ALA B 145 17.86 -16.39 -21.38
CA ALA B 145 19.16 -16.15 -21.99
C ALA B 145 19.17 -16.71 -23.40
N ARG B 146 19.58 -15.86 -24.35
CA ARG B 146 19.65 -16.22 -25.75
C ARG B 146 20.87 -15.54 -26.36
N GLN C 20 -10.10 11.85 -6.37
CA GLN C 20 -10.34 10.50 -6.94
C GLN C 20 -8.97 9.86 -7.23
N GLY C 21 -8.88 8.53 -7.11
CA GLY C 21 -7.61 7.82 -7.22
C GLY C 21 -6.62 8.21 -6.14
N MET C 22 -7.14 8.62 -4.99
CA MET C 22 -6.30 9.05 -3.88
C MET C 22 -6.40 8.10 -2.69
N THR C 23 -7.08 6.97 -2.91
CA THR C 23 -7.27 5.98 -1.87
C THR C 23 -5.94 5.60 -1.22
N GLY C 24 -5.90 5.65 0.12
CA GLY C 24 -4.74 5.21 0.86
C GLY C 24 -3.85 6.38 1.28
N ARG C 25 -3.97 7.49 0.56
CA ARG C 25 -3.10 8.65 0.80
C ARG C 25 -3.42 9.25 2.17
N ILE C 26 -2.37 9.72 2.87
CA ILE C 26 -2.56 10.47 4.12
C ILE C 26 -2.80 11.92 3.73
N VAL C 27 -4.03 12.38 3.94
CA VAL C 27 -4.51 13.64 3.39
C VAL C 27 -4.80 14.73 4.43
N HIS C 28 -4.74 14.40 5.72
CA HIS C 28 -5.24 15.30 6.74
C HIS C 28 -4.66 14.84 8.05
N PHE C 29 -4.56 15.76 9.01
CA PHE C 29 -4.15 15.42 10.38
C PHE C 29 -5.05 16.15 11.33
N GLU C 30 -5.13 15.63 12.56
CA GLU C 30 -5.89 16.30 13.64
C GLU C 30 -5.03 16.33 14.89
N ILE C 31 -5.01 17.47 15.55
CA ILE C 31 -4.36 17.62 16.83
C ILE C 31 -5.40 17.95 17.89
N PRO C 32 -5.50 17.11 18.93
CA PRO C 32 -6.48 17.40 20.00
C PRO C 32 -5.97 18.44 20.99
N PHE C 33 -6.90 19.17 21.60
CA PHE C 33 -6.55 20.11 22.66
C PHE C 33 -7.47 19.97 23.86
N ASP C 34 -6.95 20.47 24.98
CA ASP C 34 -7.73 20.67 26.21
C ASP C 34 -8.25 22.09 26.34
N ASP C 35 -7.47 23.07 25.91
CA ASP C 35 -7.86 24.49 25.93
C ASP C 35 -7.68 25.02 24.51
N GLY C 36 -8.79 25.21 23.82
CA GLY C 36 -8.77 25.62 22.42
C GLY C 36 -8.01 26.90 22.17
N ASP C 37 -8.28 27.94 22.96
CA ASP C 37 -7.60 29.21 22.70
C ASP C 37 -6.09 29.08 22.90
N ARG C 38 -5.71 28.34 23.93
CA ARG C 38 -4.31 28.14 24.23
C ARG C 38 -3.61 27.39 23.10
N ALA C 39 -4.26 26.33 22.65
CA ALA C 39 -3.70 25.48 21.58
C ALA C 39 -3.59 26.26 20.29
N ARG C 40 -4.61 27.00 19.91
CA ARG C 40 -4.56 27.80 18.70
C ARG C 40 -3.47 28.85 18.77
N ALA C 41 -3.38 29.56 19.88
CA ALA C 41 -2.36 30.58 20.01
C ALA C 41 -0.97 29.96 19.91
N PHE C 42 -0.80 28.81 20.55
CA PHE C 42 0.48 28.09 20.51
C PHE C 42 0.94 27.80 19.09
N TYR C 43 0.08 27.21 18.28
CA TYR C 43 0.46 26.86 16.92
C TYR C 43 0.56 28.08 15.99
N ARG C 44 -0.29 29.10 16.21
CA ARG C 44 -0.16 30.34 15.44
C ARG C 44 1.18 30.99 15.74
N ASP C 45 1.50 31.03 17.03
CA ASP C 45 2.73 31.68 17.49
C ASP C 45 3.97 30.86 17.14
N ALA C 46 3.91 29.54 17.31
CA ALA C 46 5.09 28.69 17.10
C ALA C 46 5.46 28.56 15.64
N PHE C 47 4.45 28.39 14.79
CA PHE C 47 4.72 28.00 13.39
C PHE C 47 4.08 28.95 12.37
N GLY C 48 3.20 29.84 12.82
CA GLY C 48 2.55 30.75 11.90
C GLY C 48 1.40 30.11 11.14
N TRP C 49 0.89 28.98 11.63
CA TRP C 49 -0.27 28.37 11.03
C TRP C 49 -1.46 29.32 11.03
N ALA C 50 -2.25 29.23 9.96
CA ALA C 50 -3.54 29.89 9.87
C ALA C 50 -4.59 28.93 10.42
N ILE C 51 -5.27 29.38 11.46
CA ILE C 51 -6.23 28.55 12.14
C ILE C 51 -7.52 29.33 12.24
N ALA C 52 -8.62 28.71 11.82
CA ALA C 52 -9.93 29.33 11.87
C ALA C 52 -10.90 28.44 12.61
N GLU C 53 -11.53 28.96 13.66
CA GLU C 53 -12.59 28.23 14.32
C GLU C 53 -13.83 28.19 13.41
N ILE C 54 -14.39 26.99 13.25
CA ILE C 54 -15.58 26.78 12.42
C ILE C 54 -16.68 26.26 13.34
N PRO C 55 -17.45 27.17 13.94
CA PRO C 55 -18.39 26.80 14.98
C PRO C 55 -19.38 25.72 14.58
N ASP C 56 -20.01 25.86 13.41
CA ASP C 56 -20.99 24.85 13.00
C ASP C 56 -20.44 23.48 12.65
N MET C 57 -19.11 23.34 12.56
CA MET C 57 -18.46 22.05 12.37
C MET C 57 -17.71 21.57 13.62
N ASP C 58 -17.75 22.34 14.70
CA ASP C 58 -17.12 21.94 15.98
C ASP C 58 -15.64 21.56 15.83
N TYR C 59 -14.90 22.37 15.10
CA TYR C 59 -13.44 22.15 14.97
C TYR C 59 -12.78 23.43 14.48
N SER C 60 -11.45 23.42 14.47
CA SER C 60 -10.71 24.54 13.96
C SER C 60 -9.89 24.04 12.77
N MET C 61 -10.09 24.67 11.62
CA MET C 61 -9.37 24.37 10.40
C MET C 61 -7.94 24.90 10.53
N VAL C 62 -6.95 24.08 10.15
CA VAL C 62 -5.53 24.43 10.20
C VAL C 62 -4.94 24.40 8.81
N THR C 63 -4.34 25.52 8.40
CA THR C 63 -3.64 25.60 7.11
C THR C 63 -2.15 25.77 7.37
N THR C 64 -1.36 24.77 6.96
CA THR C 64 0.09 24.79 7.19
C THR C 64 0.94 25.21 6.00
N GLY C 65 0.34 25.21 4.82
CA GLY C 65 1.02 25.64 3.62
C GLY C 65 0.02 26.12 2.61
N PRO C 66 0.53 26.68 1.50
CA PRO C 66 -0.32 27.39 0.57
C PRO C 66 -1.40 26.55 -0.09
N VAL C 67 -2.52 27.21 -0.37
CA VAL C 67 -3.66 26.54 -0.98
C VAL C 67 -4.12 27.26 -2.20
N GLY C 68 -4.82 26.52 -3.06
CA GLY C 68 -5.37 27.06 -4.30
C GLY C 68 -6.72 27.67 -4.03
N GLU C 69 -7.43 28.03 -5.09
CA GLU C 69 -8.75 28.66 -4.96
C GLU C 69 -9.80 27.74 -4.32
N SER C 70 -9.62 26.43 -4.46
CA SER C 70 -10.53 25.46 -3.85
C SER C 70 -10.17 25.13 -2.39
N GLY C 71 -9.11 25.73 -1.86
CA GLY C 71 -8.70 25.47 -0.46
C GLY C 71 -7.82 24.26 -0.26
N MET C 72 -7.42 23.61 -1.35
CA MET C 72 -6.54 22.45 -1.28
C MET C 72 -5.11 22.86 -1.55
N PRO C 73 -4.14 22.07 -1.06
CA PRO C 73 -2.77 22.45 -1.35
C PRO C 73 -2.53 22.63 -2.85
N ASP C 74 -1.77 23.69 -3.18
CA ASP C 74 -1.46 24.05 -4.57
C ASP C 74 -0.07 23.61 -5.01
N GLU C 75 0.57 22.79 -4.19
CA GLU C 75 1.93 22.31 -4.40
C GLU C 75 2.04 20.99 -3.63
N PRO C 76 2.79 19.99 -4.14
CA PRO C 76 2.97 18.75 -3.39
C PRO C 76 3.83 18.89 -2.14
N GLY C 77 3.66 17.90 -1.26
CA GLY C 77 4.59 17.67 -0.15
C GLY C 77 4.12 18.02 1.26
N TYR C 78 2.87 18.44 1.39
CA TYR C 78 2.36 18.82 2.72
C TYR C 78 0.84 18.66 2.78
N ILE C 79 0.32 18.62 4.00
CA ILE C 79 -1.10 18.54 4.24
C ILE C 79 -1.52 19.57 5.25
N ASN C 80 -2.81 19.88 5.18
CA ASN C 80 -3.44 20.75 6.15
C ASN C 80 -4.24 19.84 7.10
N GLY C 81 -4.90 20.44 8.08
CA GLY C 81 -5.49 19.63 9.16
C GLY C 81 -6.52 20.35 9.96
N GLY C 82 -6.69 19.88 11.19
CA GLY C 82 -7.70 20.43 12.08
C GLY C 82 -7.31 20.24 13.52
N MET C 83 -7.94 21.01 14.38
CA MET C 83 -7.76 20.85 15.81
C MET C 83 -9.14 20.66 16.42
N MET C 84 -9.21 19.77 17.40
CA MET C 84 -10.49 19.40 18.01
C MET C 84 -10.32 19.26 19.51
N GLN C 85 -11.41 19.47 20.24
CA GLN C 85 -11.41 19.18 21.67
C GLN C 85 -11.15 17.69 21.89
N ARG C 86 -10.19 17.40 22.77
CA ARG C 86 -9.79 16.02 23.04
C ARG C 86 -11.00 15.17 23.46
N GLY C 87 -11.09 13.96 22.90
CA GLY C 87 -12.22 12.99 23.10
C GLY C 87 -12.01 11.78 22.18
N GLU C 88 -12.80 11.66 21.12
CA GLU C 88 -12.57 10.68 20.03
C GLU C 88 -11.10 10.57 19.60
N VAL C 89 -10.48 11.73 19.49
CA VAL C 89 -9.09 11.89 19.21
C VAL C 89 -8.53 12.12 20.61
N THR C 90 -7.79 11.17 21.17
CA THR C 90 -7.12 11.44 22.47
C THR C 90 -5.69 11.88 22.22
N THR C 91 -5.12 11.55 21.04
CA THR C 91 -3.78 12.00 20.68
C THR C 91 -3.81 12.32 19.18
N PRO C 92 -2.74 12.94 18.66
CA PRO C 92 -2.79 13.28 17.21
C PRO C 92 -3.09 12.10 16.31
N VAL C 93 -3.81 12.40 15.23
CA VAL C 93 -4.25 11.38 14.30
C VAL C 93 -3.90 11.84 12.88
N VAL C 94 -3.49 10.89 12.06
CA VAL C 94 -3.43 11.10 10.59
C VAL C 94 -4.59 10.38 9.95
N THR C 95 -5.03 10.93 8.81
CA THR C 95 -6.30 10.52 8.17
C THR C 95 -6.04 10.01 6.76
N VAL C 96 -6.53 8.81 6.49
CA VAL C 96 -6.35 8.11 5.21
C VAL C 96 -7.61 8.31 4.33
N ASP C 97 -7.40 8.73 3.10
CA ASP C 97 -8.47 8.81 2.13
C ASP C 97 -8.93 7.44 1.68
N VAL C 98 -10.24 7.21 1.66
CA VAL C 98 -10.79 5.97 1.12
C VAL C 98 -12.00 6.28 0.28
N GLU C 99 -12.33 5.39 -0.64
CA GLU C 99 -13.51 5.56 -1.48
C GLU C 99 -14.80 5.39 -0.69
N SER C 100 -14.77 4.47 0.27
CA SER C 100 -15.93 4.15 1.06
C SER C 100 -15.50 3.79 2.48
N ILE C 101 -15.93 4.60 3.43
CA ILE C 101 -15.66 4.30 4.83
C ILE C 101 -16.26 2.96 5.25
N GLU C 102 -17.47 2.66 4.81
CA GLU C 102 -18.07 1.39 5.19
C GLU C 102 -17.25 0.20 4.68
N SER C 103 -16.82 0.23 3.43
CA SER C 103 -16.01 -0.84 2.89
C SER C 103 -14.65 -0.91 3.61
N ALA C 104 -14.07 0.26 3.87
CA ALA C 104 -12.76 0.30 4.49
C ALA C 104 -12.77 -0.24 5.92
N LEU C 105 -13.79 0.12 6.68
CA LEU C 105 -13.88 -0.36 8.04
C LEU C 105 -14.06 -1.88 8.05
N GLU C 106 -14.87 -2.39 7.12
CA GLU C 106 -15.05 -3.84 6.99
C GLU C 106 -13.71 -4.56 6.73
N ARG C 107 -12.95 -3.99 5.80
CA ARG C 107 -11.64 -4.52 5.46
C ARG C 107 -10.67 -4.43 6.64
N ILE C 108 -10.65 -3.28 7.30
CA ILE C 108 -9.78 -3.06 8.45
C ILE C 108 -10.06 -4.09 9.55
N GLU C 109 -11.34 -4.34 9.81
CA GLU C 109 -11.69 -5.35 10.83
C GLU C 109 -11.27 -6.77 10.40
N SER C 110 -11.44 -7.06 9.12
CA SER C 110 -11.04 -8.36 8.61
C SER C 110 -9.53 -8.55 8.78
N LEU C 111 -8.77 -7.46 8.73
CA LEU C 111 -7.32 -7.52 8.85
C LEU C 111 -6.79 -7.38 10.26
N GLY C 112 -7.69 -7.25 11.23
CA GLY C 112 -7.31 -7.25 12.62
C GLY C 112 -7.29 -5.91 13.30
N GLY C 113 -7.79 -4.90 12.61
CA GLY C 113 -8.07 -3.62 13.27
C GLY C 113 -9.47 -3.57 13.85
N LYS C 114 -9.87 -2.40 14.36
CA LYS C 114 -11.17 -2.27 15.02
C LYS C 114 -11.74 -0.89 14.76
N THR C 115 -13.04 -0.80 14.53
CA THR C 115 -13.69 0.50 14.43
C THR C 115 -13.75 1.19 15.79
N VAL C 116 -13.42 2.48 15.80
CA VAL C 116 -13.56 3.33 16.99
C VAL C 116 -14.84 4.16 16.89
N THR C 117 -15.00 4.85 15.77
CA THR C 117 -16.20 5.62 15.43
C THR C 117 -16.52 5.34 13.96
N GLY C 118 -17.78 5.04 13.66
CA GLY C 118 -18.20 4.77 12.29
C GLY C 118 -18.41 6.02 11.47
N ARG C 119 -18.86 5.82 10.24
CA ARG C 119 -19.06 6.90 9.27
C ARG C 119 -19.90 8.03 9.83
N THR C 120 -19.36 9.26 9.78
CA THR C 120 -19.94 10.45 10.37
C THR C 120 -19.81 11.56 9.34
N PRO C 121 -20.90 12.26 9.01
CA PRO C 121 -20.76 13.42 8.12
C PRO C 121 -19.91 14.52 8.74
N VAL C 122 -19.07 15.15 7.93
CA VAL C 122 -18.30 16.31 8.31
C VAL C 122 -18.75 17.48 7.44
N GLY C 123 -19.58 18.32 8.02
CA GLY C 123 -20.33 19.33 7.24
C GLY C 123 -20.89 18.70 5.97
N ASN C 124 -20.74 19.41 4.85
CA ASN C 124 -21.14 18.93 3.53
C ASN C 124 -19.94 18.56 2.67
N MET C 125 -18.80 18.32 3.35
CA MET C 125 -17.51 18.13 2.69
C MET C 125 -17.22 16.64 2.47
N GLY C 126 -17.74 15.80 3.36
CA GLY C 126 -17.41 14.39 3.34
C GLY C 126 -17.81 13.70 4.62
N PHE C 127 -17.11 12.60 4.87
CA PHE C 127 -17.41 11.69 5.99
C PHE C 127 -16.10 11.25 6.61
N ALA C 128 -16.13 11.12 7.93
CA ALA C 128 -14.98 10.69 8.71
C ALA C 128 -15.33 9.46 9.52
N ALA C 129 -14.28 8.72 9.89
CA ALA C 129 -14.36 7.66 10.86
C ALA C 129 -13.01 7.50 11.51
N TYR C 130 -12.98 6.70 12.57
CA TYR C 130 -11.74 6.39 13.28
C TYR C 130 -11.67 4.89 13.52
N PHE C 131 -10.47 4.36 13.44
CA PHE C 131 -10.21 2.94 13.70
C PHE C 131 -8.89 2.81 14.43
N THR C 132 -8.68 1.65 15.06
CA THR C 132 -7.36 1.30 15.54
C THR C 132 -6.75 0.27 14.59
N ASP C 133 -5.47 0.47 14.31
CA ASP C 133 -4.71 -0.43 13.45
C ASP C 133 -4.33 -1.69 14.21
N SER C 134 -3.53 -2.55 13.59
CA SER C 134 -3.13 -3.78 14.23
C SER C 134 -2.31 -3.61 15.50
N GLU C 135 -1.81 -2.40 15.72
CA GLU C 135 -0.94 -2.07 16.82
C GLU C 135 -1.66 -1.21 17.86
N GLY C 136 -2.97 -1.04 17.70
CA GLY C 136 -3.77 -0.26 18.61
C GLY C 136 -3.72 1.24 18.47
N ASN C 137 -3.06 1.72 17.41
CA ASN C 137 -3.01 3.17 17.15
C ASN C 137 -4.32 3.64 16.54
N VAL C 138 -4.79 4.83 16.95
CA VAL C 138 -6.00 5.41 16.36
C VAL C 138 -5.58 6.15 15.09
N VAL C 139 -6.32 5.88 14.01
CA VAL C 139 -6.08 6.42 12.70
C VAL C 139 -7.44 6.87 12.17
N GLY C 140 -7.44 7.94 11.38
CA GLY C 140 -8.65 8.42 10.76
C GLY C 140 -8.85 7.94 9.34
N LEU C 141 -10.12 7.96 8.93
CA LEU C 141 -10.51 7.80 7.54
C LEU C 141 -11.27 9.03 7.07
N TRP C 142 -11.11 9.32 5.78
CA TRP C 142 -11.86 10.38 5.09
C TRP C 142 -12.43 9.89 3.79
N GLU C 143 -13.73 10.12 3.61
CA GLU C 143 -14.43 9.83 2.37
C GLU C 143 -14.99 11.16 1.87
N THR C 144 -14.65 11.56 0.64
CA THR C 144 -15.12 12.83 0.06
C THR C 144 -16.59 12.71 -0.30
N ALA C 145 -17.34 13.81 -0.15
CA ALA C 145 -18.75 13.85 -0.56
C ALA C 145 -18.87 13.99 -2.09
N ASN D 16 -17.68 -32.76 -1.40
CA ASN D 16 -16.72 -33.16 -2.48
C ASN D 16 -15.26 -32.94 -2.06
N LEU D 17 -14.34 -33.63 -2.75
CA LEU D 17 -12.93 -33.64 -2.38
C LEU D 17 -12.24 -32.36 -2.78
N TYR D 18 -11.43 -31.85 -1.87
CA TYR D 18 -10.81 -30.54 -2.05
C TYR D 18 -9.55 -30.59 -2.92
N PHE D 19 -8.63 -31.50 -2.59
CA PHE D 19 -7.35 -31.62 -3.33
C PHE D 19 -7.61 -32.53 -4.51
N GLN D 20 -8.31 -31.98 -5.50
CA GLN D 20 -8.54 -32.64 -6.75
C GLN D 20 -8.59 -31.58 -7.82
N GLY D 21 -8.52 -32.05 -9.06
CA GLY D 21 -8.77 -31.20 -10.20
C GLY D 21 -7.80 -30.04 -10.25
N MET D 22 -8.37 -28.85 -10.27
CA MET D 22 -7.63 -27.62 -10.49
C MET D 22 -7.08 -27.03 -9.20
N THR D 23 -7.46 -27.58 -8.04
CA THR D 23 -7.08 -26.94 -6.77
C THR D 23 -5.59 -26.68 -6.65
N GLY D 24 -5.28 -25.41 -6.40
CA GLY D 24 -3.94 -24.93 -6.15
C GLY D 24 -3.35 -24.21 -7.34
N ARG D 25 -3.90 -24.39 -8.53
CA ARG D 25 -3.31 -23.74 -9.71
C ARG D 25 -3.42 -22.22 -9.60
N ILE D 26 -2.33 -21.51 -9.91
CA ILE D 26 -2.40 -20.06 -10.07
C ILE D 26 -2.87 -19.76 -11.48
N VAL D 27 -4.09 -19.20 -11.59
CA VAL D 27 -4.83 -19.13 -12.86
C VAL D 27 -5.18 -17.70 -13.33
N HIS D 28 -4.88 -16.70 -12.53
CA HIS D 28 -5.33 -15.36 -12.82
C HIS D 28 -4.53 -14.37 -11.99
N PHE D 29 -4.48 -13.13 -12.44
CA PHE D 29 -3.90 -12.04 -11.64
C PHE D 29 -4.77 -10.80 -11.74
N GLU D 30 -4.63 -9.92 -10.77
CA GLU D 30 -5.27 -8.63 -10.81
C GLU D 30 -4.27 -7.53 -10.47
N ILE D 31 -4.27 -6.47 -11.26
CA ILE D 31 -3.42 -5.31 -11.02
C ILE D 31 -4.33 -4.12 -10.74
N PRO D 32 -4.19 -3.52 -9.55
CA PRO D 32 -5.00 -2.35 -9.23
C PRO D 32 -4.45 -1.07 -9.82
N PHE D 33 -5.33 -0.10 -10.04
CA PHE D 33 -4.93 1.20 -10.53
C PHE D 33 -5.57 2.33 -9.76
N ASP D 34 -4.92 3.48 -9.83
CA ASP D 34 -5.52 4.74 -9.33
C ASP D 34 -6.22 5.51 -10.45
N ASP D 35 -5.63 5.46 -11.65
CA ASP D 35 -6.17 6.15 -12.84
C ASP D 35 -6.26 5.09 -13.94
N GLY D 36 -7.47 4.64 -14.23
CA GLY D 36 -7.67 3.53 -15.17
C GLY D 36 -7.16 3.81 -16.57
N ASP D 37 -7.46 4.99 -17.09
CA ASP D 37 -7.01 5.30 -18.45
C ASP D 37 -5.48 5.31 -18.48
N ARG D 38 -4.86 5.90 -17.46
CA ARG D 38 -3.41 5.94 -17.38
C ARG D 38 -2.82 4.54 -17.33
N ALA D 39 -3.38 3.70 -16.47
CA ALA D 39 -2.86 2.33 -16.28
C ALA D 39 -3.04 1.51 -17.52
N ARG D 40 -4.22 1.57 -18.14
CA ARG D 40 -4.46 0.81 -19.37
C ARG D 40 -3.52 1.26 -20.48
N ALA D 41 -3.34 2.56 -20.61
CA ALA D 41 -2.41 3.08 -21.60
C ALA D 41 -0.97 2.60 -21.35
N PHE D 42 -0.58 2.55 -20.06
CA PHE D 42 0.78 2.12 -19.71
C PHE D 42 1.00 0.68 -20.21
N TYR D 43 0.07 -0.21 -19.90
CA TYR D 43 0.27 -1.63 -20.23
C TYR D 43 0.05 -1.94 -21.72
N ARG D 44 -0.90 -1.26 -22.35
CA ARG D 44 -1.01 -1.35 -23.80
C ARG D 44 0.28 -0.90 -24.45
N ASP D 45 0.80 0.25 -24.02
CA ASP D 45 1.99 0.82 -24.64
C ASP D 45 3.23 -0.03 -24.30
N ALA D 46 3.31 -0.52 -23.07
CA ALA D 46 4.50 -1.24 -22.64
C ALA D 46 4.66 -2.59 -23.31
N PHE D 47 3.56 -3.36 -23.33
CA PHE D 47 3.59 -4.76 -23.75
C PHE D 47 2.61 -5.14 -24.84
N GLY D 48 1.64 -4.29 -25.15
CA GLY D 48 0.64 -4.60 -26.17
C GLY D 48 -0.48 -5.49 -25.68
N TRP D 49 -0.68 -5.53 -24.37
CA TRP D 49 -1.79 -6.30 -23.82
C TRP D 49 -3.10 -5.81 -24.45
N ALA D 50 -3.99 -6.76 -24.74
CA ALA D 50 -5.36 -6.46 -25.09
C ALA D 50 -6.16 -6.29 -23.81
N ILE D 51 -6.67 -5.10 -23.60
CA ILE D 51 -7.40 -4.75 -22.39
C ILE D 51 -8.81 -4.26 -22.73
N ALA D 52 -9.83 -4.91 -22.18
CA ALA D 52 -11.22 -4.58 -22.48
C ALA D 52 -11.98 -4.27 -21.21
N GLU D 53 -12.51 -3.05 -21.12
CA GLU D 53 -13.40 -2.67 -20.03
C GLU D 53 -14.72 -3.41 -20.15
N ILE D 54 -15.10 -4.10 -19.06
CA ILE D 54 -16.34 -4.87 -18.96
C ILE D 54 -17.21 -4.17 -17.89
N PRO D 55 -18.04 -3.20 -18.30
CA PRO D 55 -18.77 -2.37 -17.33
C PRO D 55 -19.62 -3.21 -16.36
N ASP D 56 -20.36 -4.15 -16.96
CA ASP D 56 -21.11 -5.20 -16.26
C ASP D 56 -20.42 -5.75 -15.01
N MET D 57 -19.10 -5.83 -15.07
CA MET D 57 -18.32 -6.52 -14.06
C MET D 57 -17.32 -5.58 -13.32
N ASP D 58 -17.35 -4.28 -13.64
CA ASP D 58 -16.53 -3.26 -12.96
C ASP D 58 -15.03 -3.57 -13.00
N TYR D 59 -14.56 -4.04 -14.15
CA TYR D 59 -13.16 -4.36 -14.29
C TYR D 59 -12.74 -4.33 -15.75
N SER D 60 -11.44 -4.35 -15.96
CA SER D 60 -10.85 -4.41 -17.28
C SER D 60 -10.17 -5.76 -17.44
N MET D 61 -10.63 -6.53 -18.42
CA MET D 61 -10.10 -7.84 -18.73
C MET D 61 -8.76 -7.64 -19.43
N VAL D 62 -7.77 -8.41 -19.01
CA VAL D 62 -6.44 -8.34 -19.60
C VAL D 62 -6.05 -9.65 -20.24
N THR D 63 -5.72 -9.63 -21.53
CA THR D 63 -5.30 -10.85 -22.21
C THR D 63 -3.80 -10.71 -22.54
N THR D 64 -2.95 -11.54 -21.92
CA THR D 64 -1.48 -11.45 -22.10
C THR D 64 -0.96 -12.53 -22.98
N GLY D 65 -1.76 -13.57 -23.20
CA GLY D 65 -1.41 -14.64 -24.12
C GLY D 65 -2.66 -15.32 -24.66
N PRO D 66 -2.46 -16.15 -25.70
CA PRO D 66 -3.53 -16.61 -26.57
C PRO D 66 -4.62 -17.47 -25.90
N VAL D 67 -5.83 -17.30 -26.41
CA VAL D 67 -7.03 -17.92 -25.79
C VAL D 67 -7.85 -18.64 -26.84
N GLY D 68 -8.54 -19.70 -26.41
CA GLY D 68 -9.40 -20.47 -27.28
C GLY D 68 -10.77 -19.84 -27.38
N GLU D 69 -11.73 -20.59 -27.93
CA GLU D 69 -13.07 -20.09 -28.13
C GLU D 69 -13.82 -19.82 -26.82
N SER D 70 -13.47 -20.55 -25.76
CA SER D 70 -14.10 -20.34 -24.45
C SER D 70 -13.43 -19.21 -23.65
N GLY D 71 -12.43 -18.57 -24.26
CA GLY D 71 -11.75 -17.42 -23.65
C GLY D 71 -10.63 -17.78 -22.70
N MET D 72 -10.31 -19.06 -22.59
CA MET D 72 -9.27 -19.52 -21.68
C MET D 72 -7.98 -19.73 -22.47
N PRO D 73 -6.82 -19.63 -21.79
CA PRO D 73 -5.56 -19.86 -22.48
C PRO D 73 -5.54 -21.19 -23.24
N ASP D 74 -5.04 -21.16 -24.47
CA ASP D 74 -5.03 -22.35 -25.33
C ASP D 74 -3.61 -22.89 -25.57
N GLU D 75 -2.63 -22.31 -24.88
CA GLU D 75 -1.28 -22.81 -24.87
C GLU D 75 -0.80 -22.75 -23.42
N PRO D 76 0.13 -23.65 -23.03
CA PRO D 76 0.59 -23.64 -21.65
C PRO D 76 1.58 -22.54 -21.33
N GLY D 77 1.69 -22.23 -20.03
CA GLY D 77 2.81 -21.46 -19.50
C GLY D 77 2.56 -19.99 -19.15
N TYR D 78 1.31 -19.56 -19.22
CA TYR D 78 0.97 -18.17 -18.87
C TYR D 78 -0.47 -18.05 -18.41
N ILE D 79 -0.75 -16.90 -17.80
CA ILE D 79 -2.10 -16.56 -17.40
C ILE D 79 -2.51 -15.17 -17.87
N ASN D 80 -3.82 -15.02 -18.01
CA ASN D 80 -4.45 -13.72 -18.21
C ASN D 80 -4.95 -13.17 -16.88
N GLY D 81 -5.53 -11.97 -16.93
CA GLY D 81 -5.86 -11.30 -15.68
C GLY D 81 -6.84 -10.18 -15.84
N GLY D 82 -6.77 -9.25 -14.91
CA GLY D 82 -7.68 -8.15 -14.86
C GLY D 82 -7.06 -6.94 -14.21
N MET D 83 -7.66 -5.77 -14.43
CA MET D 83 -7.21 -4.56 -13.77
C MET D 83 -8.45 -3.93 -13.18
N MET D 84 -8.30 -3.35 -12.00
CA MET D 84 -9.42 -2.79 -11.27
C MET D 84 -9.02 -1.58 -10.48
N GLN D 85 -10.01 -0.73 -10.21
CA GLN D 85 -9.82 0.43 -9.39
C GLN D 85 -9.39 -0.01 -8.00
N ARG D 86 -8.30 0.58 -7.51
CA ARG D 86 -7.71 0.16 -6.23
C ARG D 86 -8.73 0.29 -5.09
N GLY D 87 -8.80 -0.74 -4.24
CA GLY D 87 -9.76 -0.78 -3.11
C GLY D 87 -9.84 -2.16 -2.51
N GLU D 88 -10.65 -3.06 -3.07
CA GLU D 88 -10.65 -4.48 -2.67
C GLU D 88 -9.34 -5.14 -2.99
N VAL D 89 -8.75 -4.75 -4.11
CA VAL D 89 -7.42 -5.12 -4.48
C VAL D 89 -6.59 -3.87 -4.25
N THR D 90 -5.63 -3.95 -3.33
CA THR D 90 -4.80 -2.78 -3.03
C THR D 90 -3.39 -2.84 -3.61
N THR D 91 -2.92 -4.06 -3.88
CA THR D 91 -1.64 -4.31 -4.54
C THR D 91 -1.88 -5.49 -5.49
N PRO D 92 -0.93 -5.79 -6.39
CA PRO D 92 -1.18 -6.94 -7.28
C PRO D 92 -1.52 -8.21 -6.51
N VAL D 93 -2.44 -8.97 -7.07
CA VAL D 93 -2.95 -10.20 -6.47
C VAL D 93 -2.88 -11.32 -7.51
N VAL D 94 -2.39 -12.48 -7.09
CA VAL D 94 -2.57 -13.71 -7.84
C VAL D 94 -3.69 -14.53 -7.24
N THR D 95 -4.36 -15.29 -8.11
CA THR D 95 -5.58 -16.00 -7.78
C THR D 95 -5.36 -17.51 -7.88
N VAL D 96 -5.71 -18.21 -6.80
CA VAL D 96 -5.61 -19.65 -6.73
C VAL D 96 -6.96 -20.28 -7.06
N ASP D 97 -6.95 -21.22 -8.00
CA ASP D 97 -8.14 -21.98 -8.32
C ASP D 97 -8.35 -23.01 -7.21
N VAL D 98 -9.57 -23.07 -6.70
CA VAL D 98 -9.93 -24.07 -5.72
C VAL D 98 -11.24 -24.72 -6.09
N GLU D 99 -11.35 -26.00 -5.78
CA GLU D 99 -12.57 -26.71 -6.05
C GLU D 99 -13.71 -26.20 -5.18
N SER D 100 -13.37 -25.68 -4.01
CA SER D 100 -14.31 -25.10 -3.08
C SER D 100 -13.67 -24.00 -2.26
N ILE D 101 -14.22 -22.80 -2.38
CA ILE D 101 -13.73 -21.66 -1.59
C ILE D 101 -13.89 -21.90 -0.10
N GLU D 102 -14.99 -22.55 0.28
CA GLU D 102 -15.23 -22.87 1.70
C GLU D 102 -14.16 -23.82 2.26
N SER D 103 -13.81 -24.87 1.52
CA SER D 103 -12.73 -25.77 1.97
C SER D 103 -11.37 -25.10 2.04
N ALA D 104 -11.10 -24.22 1.07
CA ALA D 104 -9.87 -23.45 1.12
C ALA D 104 -9.83 -22.58 2.36
N LEU D 105 -10.91 -21.84 2.60
CA LEU D 105 -10.93 -20.86 3.68
C LEU D 105 -10.84 -21.57 5.04
N GLU D 106 -11.43 -22.77 5.14
CA GLU D 106 -11.25 -23.59 6.35
C GLU D 106 -9.80 -23.77 6.69
N ARG D 107 -9.00 -24.16 5.69
CA ARG D 107 -7.57 -24.38 5.86
C ARG D 107 -6.78 -23.12 6.08
N ILE D 108 -7.09 -22.09 5.30
CA ILE D 108 -6.41 -20.82 5.39
C ILE D 108 -6.57 -20.27 6.81
N GLU D 109 -7.79 -20.30 7.33
CA GLU D 109 -8.04 -19.73 8.67
C GLU D 109 -7.39 -20.56 9.76
N SER D 110 -7.00 -21.79 9.44
CA SER D 110 -6.25 -22.61 10.40
C SER D 110 -4.73 -22.29 10.45
N LEU D 111 -4.21 -21.53 9.48
CA LEU D 111 -2.77 -21.44 9.24
C LEU D 111 -2.04 -20.08 9.37
N GLY D 112 -2.45 -19.15 10.22
CA GLY D 112 -3.75 -18.68 10.38
C GLY D 112 -3.68 -17.56 9.37
N GLY D 113 -4.28 -17.82 8.24
CA GLY D 113 -4.66 -16.76 7.32
C GLY D 113 -5.95 -16.10 7.80
N LYS D 114 -6.34 -15.03 7.13
CA LYS D 114 -7.55 -14.29 7.44
C LYS D 114 -8.41 -14.20 6.19
N THR D 115 -9.73 -14.38 6.31
CA THR D 115 -10.64 -14.04 5.23
C THR D 115 -10.80 -12.54 5.13
N VAL D 116 -10.49 -11.96 3.98
CA VAL D 116 -10.70 -10.55 3.74
C VAL D 116 -12.08 -10.34 3.15
N THR D 117 -12.42 -11.10 2.12
CA THR D 117 -13.78 -11.14 1.58
C THR D 117 -14.17 -12.58 1.30
N GLY D 118 -15.38 -12.93 1.70
CA GLY D 118 -15.87 -14.29 1.53
C GLY D 118 -16.34 -14.59 0.10
N ARG D 119 -16.81 -15.81 -0.09
CA ARG D 119 -17.28 -16.28 -1.40
C ARG D 119 -18.30 -15.31 -1.99
N THR D 120 -18.04 -14.85 -3.21
CA THR D 120 -18.83 -13.80 -3.86
C THR D 120 -19.00 -14.20 -5.31
N PRO D 121 -20.25 -14.23 -5.82
CA PRO D 121 -20.40 -14.57 -7.24
C PRO D 121 -19.76 -13.52 -8.12
N VAL D 122 -19.11 -13.98 -9.19
CA VAL D 122 -18.53 -13.13 -10.21
C VAL D 122 -19.25 -13.47 -11.54
N GLY D 123 -20.17 -12.59 -11.92
CA GLY D 123 -21.06 -12.89 -12.99
C GLY D 123 -21.69 -14.26 -12.82
N ASN D 124 -21.85 -14.98 -13.93
CA ASN D 124 -22.31 -16.36 -13.91
C ASN D 124 -21.17 -17.35 -14.11
N MET D 125 -19.92 -16.86 -13.98
CA MET D 125 -18.75 -17.63 -14.33
C MET D 125 -18.18 -18.44 -13.14
N GLY D 126 -18.40 -17.95 -11.93
CA GLY D 126 -17.88 -18.57 -10.75
C GLY D 126 -17.94 -17.66 -9.56
N PHE D 127 -17.01 -17.87 -8.63
CA PHE D 127 -17.04 -17.22 -7.33
C PHE D 127 -15.62 -16.87 -6.95
N ALA D 128 -15.48 -15.75 -6.26
CA ALA D 128 -14.19 -15.23 -5.82
C ALA D 128 -14.18 -14.97 -4.32
N ALA D 129 -12.99 -14.95 -3.77
CA ALA D 129 -12.77 -14.56 -2.41
C ALA D 129 -11.35 -14.04 -2.32
N TYR D 130 -11.07 -13.36 -1.22
CA TYR D 130 -9.72 -12.87 -0.92
C TYR D 130 -9.37 -13.18 0.51
N PHE D 131 -8.11 -13.52 0.73
CA PHE D 131 -7.64 -13.89 2.05
C PHE D 131 -6.23 -13.37 2.24
N THR D 132 -5.77 -13.34 3.47
CA THR D 132 -4.33 -13.11 3.73
C THR D 132 -3.68 -14.42 4.11
N ASP D 133 -2.47 -14.62 3.59
CA ASP D 133 -1.69 -15.82 3.89
C ASP D 133 -1.00 -15.68 5.25
N SER D 134 -0.20 -16.67 5.59
CA SER D 134 0.46 -16.63 6.90
C SER D 134 1.43 -15.44 7.05
N GLU D 135 1.80 -14.81 5.96
CA GLU D 135 2.78 -13.77 5.90
C GLU D 135 2.11 -12.42 5.70
N GLY D 136 0.78 -12.39 5.75
CA GLY D 136 0.08 -11.13 5.57
C GLY D 136 -0.23 -10.77 4.16
N ASN D 137 0.16 -11.55 3.14
CA ASN D 137 -0.08 -11.17 1.75
C ASN D 137 -1.54 -11.42 1.38
N VAL D 138 -2.15 -10.46 0.66
CA VAL D 138 -3.49 -10.69 0.12
C VAL D 138 -3.41 -11.55 -1.17
N VAL D 139 -4.21 -12.61 -1.22
CA VAL D 139 -4.21 -13.58 -2.29
C VAL D 139 -5.67 -13.83 -2.63
N GLY D 140 -5.92 -14.14 -3.89
CA GLY D 140 -7.27 -14.42 -4.33
C GLY D 140 -7.57 -15.89 -4.45
N LEU D 141 -8.87 -16.20 -4.39
CA LEU D 141 -9.42 -17.53 -4.70
C LEU D 141 -10.44 -17.42 -5.82
N TRP D 142 -10.48 -18.48 -6.62
CA TRP D 142 -11.48 -18.62 -7.68
C TRP D 142 -12.05 -20.02 -7.65
N GLU D 143 -13.38 -20.10 -7.69
CA GLU D 143 -14.10 -21.36 -7.82
C GLU D 143 -14.98 -21.27 -9.07
N THR D 144 -14.78 -22.19 -10.00
CA THR D 144 -15.55 -22.18 -11.22
C THR D 144 -16.99 -22.64 -10.95
N ALA D 145 -17.95 -21.98 -11.60
CA ALA D 145 -19.35 -22.40 -11.52
C ALA D 145 -19.51 -23.77 -12.14
N ARG D 146 -20.30 -24.63 -11.50
CA ARG D 146 -20.64 -25.93 -12.07
C ARG D 146 -22.13 -25.95 -12.41
#